data_1Z58
#
_entry.id   1Z58
#
_cell.length_a   168.500
_cell.length_b   404.000
_cell.length_c   689.000
_cell.angle_alpha   90.00
_cell.angle_beta   90.00
_cell.angle_gamma   90.00
#
_symmetry.space_group_name_H-M   'I 2 2 2'
#
loop_
_entity.id
_entity.type
_entity.pdbx_description
1 polymer '23S RIBOSOMAL RNA'
2 non-polymer 'RAPAMYCIN IMMUNOSUPPRESSANT DRUG'
#
_entity_poly.entity_id   1
_entity_poly.type   'polyribonucleotide'
_entity_poly.pdbx_seq_one_letter_code
;GGUCAAGAUAGUAAGGGUCCACGGUGGAUGCCCUGGCGCUGGAGCCGAUGAAGGACGCGAUUACCUGCGAAAAGCCCCGA
CGAGCUGGAGAUACGCUUUGACUCGGGGAUGUCCGAAUGGGGAAACCCACCUCGUAAGAGGUAUCCGCAAGGAUGGGAAC
UCAGGGAACUGAAACAUCUCAGUACCUGAAGGAGAAGAAAGAGAAUUCGAUUCCGUUAGUAGCGGCGAGCGAACCCGGAU
CAGCCCAAACCGAAACGCUUGCGUUUCGGGGUUGUAGGACCAGUUUUUAAGAUUCAACCCCUCAAGCCGAAGUGGCUGGA
AAGCUACACCUCAGAAGGUGAGAGUCCUGUAGGCGAACGAGCGGUUGACUGUACUGGCACCUGAGUAGGUCGUUGUUCGU
GAAACGAUGACUGAAUCCGCGCGGACCACCGCGCAAGGCUAAAUACUCCCAGUGACCGAUAGCGCAUAGUACCGUGAGGG
AAAGGUGAAAAGAACCCCGGGAGGGGAGUGAAAGAGAACCUGAAACCGUGGACUUACAAGCAGUCAUGGCACCUUAUGCG
UGUUAUGGCGUGCCUAUUGAAGCAUGAGCCGGCGACUUAGACCUGACGUGCGAGCUUAAGUUGAAAAACGGAGGCGGAGC
GAAAGCGAGUCCGAAUAGGGCGGCAUUAGUACGUCGGGCUAGACUCGAAACCAGGUGAGCUAAGCAUGACCAGGUUGAAA
CCCCCGUGACAGGGGGCGGAGGACCGAACCGGUGCCUGCUGAAACAGUCUCGGAUGAGUUGUGUUUAGGAGUGAAAAGCU
AACCGAACCUGGAGAUAGCUAGUUCUCCCCGAAAUGUAUUGAGGUACAGCCUCGGAUGUUGACCAUGUCCUGUAGAGCAC
UCACAAGGCUAGGGGGCCUACCAGCUUACCAAACCUUAUGAAACUCCGAAGGGGCACGCGUUUAGUCCGGGAGUGAGGCU
GCGAGAGCUAACUUCCGUAGCCGAGAGGGAAACAACCCAGACCAUCAGCUAAGGUCCCUAAAUGAUCGCUCAGUGGUUAA
GGAUGUGUCGUCGCAUAGACAGCCAGGAGGUUGGCUUAGAAGCAGCCACCCUUCAAAGAGUGCGUAAUAGCUCACUGGUC
GAGUGACGAUGCGCCGAAAAUGAUCGGGGCUCAAGUGAUCUACCGAAGCUAUGGAUUCAACUCGCGAAGCGAGUUGUCUG
GUAGGGGAGCGUUCAGUCCGCGGAGAAGCCAUACCGGAAGGAGUGGUGGAGCCGACUGAAGUGCGGAUGCCGGCAUGAGU
AACGAUAAAAGAAGUGAGAAUCUUCUUCGCCGUAAGGACAAGGGUUCCUGGGGAAGGGUCGUCCGCCCAGGGAAAGUCGG
GACCUAAGGUGAGGCCGAACGGCGCAGCCGAUGGACAGCAGGUCAAGAUUCCUGCACCGAUCAUGUGGAGUGAUGGAGGG
ACGCAUUACGCUAUCCAAUGCCAAGCUAUGGCUAUGCUGGUUGGUACGCUCAAGGGCGAUCGGGUCAGAAAAUCUACCGG
UCACAUGCCUCAGACGUAUCGGGAGCUUCCUCGGAAGCGAAGUUGGAAACGCGACGGUGCCAAGAAAAGCUUCUAAACGU
UGAAACAUGAUUGCCCGUACCGCAAACCGACACAGGUGUCCGAGUGUCAAUGCACUAAGGCGCGCGAGAGAACCCUCGUU
AAGGAACUUUGCAAUCUCACCCCGUAACUUCGGAAGAAGGGGUCCCCACGCUUCGCGUGGGGCGCAGUGAAUAGGCCCAG
GCGACUGUUUACCAAAAUCACAGCACUCUGCCAACACGAACAGUGGACGUAUAGGGUGUGACGCCUGCCCGGUGCCGGAA
GGUCAAGUGGAGCGGUGCAAGCUGCGAAAUGAAGCCCCGGUGAACGGCGGCCGUAACUAUAACGGUCCUAAGGUAGCGAA
AUUCCUUGUCGGGUAAGUUCCGACCUGCACGAAAGGCGUAACGAUCUGGGCGCUGUCUCAACGAGGGACUCGGUGAAAUU
GAAUUGGCUGUAAAGAUGCGGCCUACCCGUAGCAGGACGAAAAGACCCCGUGGAGCUUUACUAUAGUCUGGCAUUGGGAU
UCGGGUUUCUCUGCGUAGGAUAGGUGGGAGCCUGCGAAACUGGCCUUUUGGGGUCGGUGGAGGCAACGGUGAAAUACCAC
CCUGAGAAACUUGGAUUUCUAACCUGAAAAAUCACUUUCGGGGACCGUGCUUGGCGGGUAGUUUGACUGGGGCGGUCGCC
UCCCAAAAUGUAACGGAGGCGCCCAAAGGUCACCUCAAGACGGUUGGAAAUCGUCUGUAGAGCGCAAAGGUAGAAGGUGG
CUUGACUGCGAGACUGACACGUCGAGCAGGGAGGAAACUCGGGCUUAGUGAACCGGUGGUACCGUGUGGAAGGGCCAUCG
AUCAACGGAUAAAAGUUACCCCGGGGAUAACAGGCUGAUCUCCCCCGAGAGUCCAUAUCGGCGGGGAGGUUUGGCACCUC
GAUGUCGGCUCGUCGCAUCCUGGGGCUGAAGAAGGUCCCAAGGGUUGGGCUGUUCGCCCAUUAAAGCGGCACGCGAGCUG
GGUUCAGAACGUCGUGAGACAGUUCGGUCUCUAUCCGCUACGGGCGCAGGAGAAUUGAGGGGAGUUGCUCCUAGUACGAG
AGGACCGGAGUGAACGGACCGCUGGUCUCCCUGCUGUCGUACCAACGGCACAUGCAGGGUAGCUAUGUCCGGAACGGAUA
ACCGCUGAAAGCAUCUAAGCGGGAAGCCAGCCCCAAGAUGAGUUCUCCCACUGUUUAUCAGGUAAGACUCCCGGAAGACC
ACCGGGUUAAGAGGCCAGGCGUGCACGCAUAGCAAUGUGUUCAGCGGACUGGUGCUCAUCAGUCGAGGUCUUGACCACUC
;
_entity_poly.pdbx_strand_id   2
#
loop_
_chem_comp.id
_chem_comp.type
_chem_comp.name
_chem_comp.formula
A RNA linking ADENOSINE-5'-MONOPHOSPHATE 'C10 H14 N5 O7 P'
C RNA linking CYTIDINE-5'-MONOPHOSPHATE 'C9 H14 N3 O8 P'
G RNA linking GUANOSINE-5'-MONOPHOSPHATE 'C10 H14 N5 O8 P'
RAP non-polymer 'RAPAMYCIN IMMUNOSUPPRESSANT DRUG' 'C51 H79 N O13'
U RNA linking URIDINE-5'-MONOPHOSPHATE 'C9 H13 N2 O9 P'
#
# COMPACT_ATOMS: atom_id res chain seq x y z
C1 RAP B . -1.38 -2.19 3.13
O1 RAP B . -1.04 -0.99 2.45
O2 RAP B . -0.57 -3.12 3.11
C2 RAP B . -2.71 -2.35 3.87
C3 RAP B . -3.42 -3.67 3.51
C4 RAP B . -4.07 -3.69 2.12
C5 RAP B . -5.02 -2.50 1.99
C6 RAP B . -4.29 -1.21 2.24
N7 RAP B . -3.71 -1.26 3.62
C8 RAP B . -3.91 -0.30 4.57
O3 RAP B . -3.25 -0.36 5.63
C9 RAP B . -4.85 0.76 4.42
O4 RAP B . -6.05 0.56 4.69
C10 RAP B . -4.41 2.17 3.94
O5 RAP B . -4.20 2.03 2.53
O6 RAP B . -5.49 3.10 4.19
C11 RAP B . -3.07 2.71 4.63
C12 RAP B . -2.61 4.02 3.95
C13 RAP B . -2.51 3.81 2.42
C14 RAP B . -3.78 3.16 1.78
C15 RAP B . -3.45 2.64 0.38
C16 RAP B . -3.22 3.73 -0.69
O7 RAP B . -4.38 4.53 -0.75
C17 RAP B . -2.94 3.12 -2.07
C18 RAP B . -1.69 3.24 -2.56
C19 RAP B . -1.22 2.74 -3.87
C20 RAP B . 0.05 2.92 -4.23
C21 RAP B . 0.54 2.45 -5.55
C22 RAP B . 1.81 2.22 -5.82
C23 RAP B . 2.30 1.52 -7.09
C24 RAP B . 3.14 0.29 -6.69
C25 RAP B . 2.57 -0.70 -5.68
C26 RAP B . 3.67 -1.56 -5.06
O8 RAP B . 4.02 -2.64 -5.56
C27 RAP B . 4.33 -1.02 -3.78
O9 RAP B . 5.62 -1.58 -3.66
C28 RAP B . 3.59 -1.37 -2.43
O10 RAP B . 3.25 -2.77 -2.46
C29 RAP B . 2.30 -0.53 -2.19
C30 RAP B . 1.06 -1.06 -2.22
C31 RAP B . -0.32 -0.40 -2.00
C32 RAP B . -0.84 -0.75 -0.59
O11 RAP B . -1.65 -1.67 -0.40
C33 RAP B . -0.27 0.09 0.55
C34 RAP B . 0.14 -0.78 1.73
C35 RAP B . 1.17 -0.21 2.76
C36 RAP B . 2.62 -0.25 2.18
C37 RAP B . 3.26 -1.63 1.91
C38 RAP B . 4.68 -1.45 1.32
C39 RAP B . 5.43 -2.79 1.03
O12 RAP B . 6.79 -2.51 0.68
C40 RAP B . 5.37 -3.76 2.29
O13 RAP B . 5.84 -5.06 1.88
C41 RAP B . 3.94 -3.92 2.89
C42 RAP B . 3.30 -2.56 3.15
C43 RAP B . -3.18 2.93 6.17
C44 RAP B . -4.14 2.43 -2.77
C45 RAP B . 3.14 2.50 -7.91
C46 RAP B . 1.49 -1.59 -6.34
C47 RAP B . 2.57 0.95 -1.91
C48 RAP B . -1.29 -0.90 -3.09
C49 RAP B . 0.84 1.21 3.18
C50 RAP B . -4.23 5.87 -1.10
C51 RAP B . 6.67 -0.76 -4.06
C52 RAP B . 7.62 -1.83 1.60
#